data_9IIE
#
_entry.id   9IIE
#
_cell.length_a   49.920
_cell.length_b   80.480
_cell.length_c   137.070
_cell.angle_alpha   90.00
_cell.angle_beta   90.00
_cell.angle_gamma   90.00
#
_symmetry.space_group_name_H-M   'P 21 21 21'
#
loop_
_entity.id
_entity.type
_entity.pdbx_description
1 polymer 'Immunoglobulin gamma-1 heavy chain'
2 branched beta-D-galactopyranose-(1-4)-2-acetamido-2-deoxy-beta-D-glucopyranose-(1-2)-alpha-D-mannopyranose-(1-6)-[2-acetamido-2-deoxy-beta-D-glucopyranose-(1-3)-alpha-D-mannopyranose-(1-3)]beta-D-mannopyranose-(1-4)-2-acetamido-2-deoxy-beta-D-glucopyranose-(1-4)-[beta-L-fucopyranose-(1-6)]2-acetamido-2-deoxy-beta-D-glucopyranose
3 branched 2-acetamido-2-deoxy-beta-D-glucopyranose-(1-2)-alpha-D-mannopyranose-(1-6)-[alpha-D-mannopyranose-(1-3)]beta-D-mannopyranose-(1-4)-2-acetamido-2-deoxy-beta-D-glucopyranose-(1-4)-[alpha-L-fucopyranose-(1-6)]2-acetamido-2-deoxy-beta-D-glucopyranose
4 water water
#
_entity_poly.entity_id   1
_entity_poly.type   'polypeptide(L)'
_entity_poly.pdbx_seq_one_letter_code
;GPSVFLFPPKPKDTLMISRTPEVTCVVVDVSHEDPEVKFNWYVDGVEVHNAKTKPREEQYNSTYRVVSVLTVLHQDWLNG
KEYKCKVSNKALPAPIEKTISKAKGQPREPQVYTLPPSRDELTKNQVSLTCLVKGFYPSDIAVEWESNGQPENNYKTTPP
VLDSDGSFFLYSKLTVDKSRWQQGNVFSCSVMHEALHNHYTQKSLSLS
;
_entity_poly.pdbx_strand_id   A,B
#
loop_
_chem_comp.id
_chem_comp.type
_chem_comp.name
_chem_comp.formula
BMA D-saccharide, beta linking beta-D-mannopyranose 'C6 H12 O6'
FUC L-saccharide, alpha linking alpha-L-fucopyranose 'C6 H12 O5'
FUL L-saccharide, beta linking beta-L-fucopyranose 'C6 H12 O5'
GAL D-saccharide, beta linking beta-D-galactopyranose 'C6 H12 O6'
MAN D-saccharide, alpha linking alpha-D-mannopyranose 'C6 H12 O6'
NAG D-saccharide, beta linking 2-acetamido-2-deoxy-beta-D-glucopyranose 'C8 H15 N O6'
#
# COMPACT_ATOMS: atom_id res chain seq x y z
N PRO A 2 9.98 -14.20 20.41
CA PRO A 2 8.86 -13.72 21.21
C PRO A 2 8.49 -12.28 20.89
N SER A 3 7.85 -12.07 19.74
CA SER A 3 7.50 -10.75 19.26
C SER A 3 6.01 -10.50 19.48
N VAL A 4 5.68 -9.31 19.98
CA VAL A 4 4.30 -8.94 20.29
C VAL A 4 3.79 -8.00 19.22
N PHE A 5 2.62 -8.32 18.66
CA PHE A 5 1.99 -7.51 17.63
C PHE A 5 0.52 -7.30 17.96
N LEU A 6 0.06 -6.07 17.80
CA LEU A 6 -1.34 -5.71 18.02
C LEU A 6 -1.95 -5.16 16.73
N PHE A 7 -3.25 -5.39 16.58
CA PHE A 7 -3.96 -4.96 15.39
C PHE A 7 -5.30 -4.36 15.79
N PRO A 8 -5.78 -3.36 15.05
CA PRO A 8 -7.05 -2.72 15.38
C PRO A 8 -8.21 -3.53 14.82
N PRO A 9 -9.43 -3.22 15.23
CA PRO A 9 -10.60 -3.84 14.59
C PRO A 9 -10.76 -3.38 13.15
N LYS A 10 -11.44 -4.22 12.37
CA LYS A 10 -11.75 -3.87 11.00
C LYS A 10 -12.62 -2.61 10.97
N PRO A 11 -12.39 -1.70 10.03
CA PRO A 11 -13.15 -0.43 10.03
C PRO A 11 -14.65 -0.63 9.90
N LYS A 12 -15.10 -1.65 9.19
CA LYS A 12 -16.54 -1.88 9.05
C LYS A 12 -17.15 -2.45 10.32
N ASP A 13 -16.36 -3.11 11.17
CA ASP A 13 -16.91 -3.72 12.37
C ASP A 13 -17.47 -2.67 13.32
N THR A 14 -16.75 -1.56 13.51
CA THR A 14 -17.16 -0.55 14.47
C THR A 14 -18.32 0.32 13.98
N LEU A 15 -18.55 0.38 12.68
CA LEU A 15 -19.60 1.22 12.11
C LEU A 15 -20.96 0.55 12.09
N MET A 16 -21.04 -0.75 12.36
CA MET A 16 -22.30 -1.46 12.44
C MET A 16 -22.41 -2.14 13.80
N ILE A 17 -23.52 -1.88 14.48
CA ILE A 17 -23.73 -2.45 15.82
C ILE A 17 -23.96 -3.94 15.79
N SER A 18 -24.14 -4.52 14.62
CA SER A 18 -24.40 -5.95 14.47
C SER A 18 -23.13 -6.80 14.43
N ARG A 19 -21.95 -6.18 14.45
CA ARG A 19 -20.69 -6.88 14.35
C ARG A 19 -19.94 -6.85 15.69
N THR A 20 -18.72 -7.37 15.68
CA THR A 20 -17.84 -7.37 16.85
C THR A 20 -16.49 -6.79 16.44
N PRO A 21 -16.00 -5.76 17.14
CA PRO A 21 -14.69 -5.19 16.77
C PRO A 21 -13.54 -6.17 16.89
N GLU A 22 -13.36 -6.80 18.06
CA GLU A 22 -12.41 -7.88 18.27
C GLU A 22 -10.97 -7.43 17.98
N VAL A 23 -10.47 -6.56 18.85
CA VAL A 23 -9.04 -6.24 18.83
C VAL A 23 -8.22 -7.50 19.06
N THR A 24 -7.15 -7.66 18.28
CA THR A 24 -6.37 -8.88 18.27
C THR A 24 -4.96 -8.61 18.77
N CYS A 25 -4.47 -9.45 19.68
CA CYS A 25 -3.10 -9.41 20.17
C CYS A 25 -2.40 -10.69 19.74
N VAL A 26 -1.21 -10.56 19.15
CA VAL A 26 -0.50 -11.67 18.55
C VAL A 26 0.89 -11.76 19.18
N VAL A 27 1.30 -12.97 19.54
CA VAL A 27 2.63 -13.25 20.06
C VAL A 27 3.23 -14.35 19.18
N VAL A 28 4.21 -13.99 18.37
CA VAL A 28 4.86 -14.91 17.45
C VAL A 28 6.25 -15.25 17.99
N ASP A 29 6.90 -16.21 17.32
CA ASP A 29 8.20 -16.73 17.76
C ASP A 29 8.11 -17.26 19.19
N VAL A 30 7.07 -18.05 19.45
CA VAL A 30 6.88 -18.61 20.77
C VAL A 30 8.03 -19.57 21.07
N SER A 31 8.42 -19.64 22.34
CA SER A 31 9.51 -20.51 22.74
C SER A 31 9.04 -21.96 22.72
N HIS A 32 9.85 -22.83 22.10
CA HIS A 32 9.49 -24.23 21.96
C HIS A 32 9.35 -24.89 23.32
N GLU A 33 10.38 -24.76 24.15
CA GLU A 33 10.43 -25.43 25.45
C GLU A 33 9.75 -24.63 26.54
N ASP A 34 9.65 -23.31 26.39
CA ASP A 34 9.04 -22.46 27.40
C ASP A 34 7.55 -22.29 27.13
N PRO A 35 6.69 -22.96 27.90
CA PRO A 35 5.25 -22.90 27.64
C PRO A 35 4.55 -21.78 28.39
N GLU A 36 3.23 -21.81 28.34
CA GLU A 36 2.39 -20.95 29.15
C GLU A 36 2.59 -19.46 28.84
N VAL A 37 2.27 -19.04 27.62
CA VAL A 37 2.22 -17.61 27.29
C VAL A 37 1.02 -17.00 28.00
N LYS A 38 1.28 -16.05 28.89
CA LYS A 38 0.23 -15.39 29.67
C LYS A 38 -0.33 -14.19 28.91
N PHE A 39 -1.51 -13.75 29.32
CA PHE A 39 -2.16 -12.62 28.68
C PHE A 39 -2.92 -11.80 29.71
N ASN A 40 -2.82 -10.48 29.57
CA ASN A 40 -3.59 -9.54 30.39
C ASN A 40 -3.91 -8.33 29.54
N TRP A 41 -5.02 -7.67 29.88
CA TRP A 41 -5.51 -6.53 29.11
C TRP A 41 -5.81 -5.36 30.04
N TYR A 42 -5.49 -4.16 29.57
CA TYR A 42 -5.77 -2.93 30.29
C TYR A 42 -6.42 -1.94 29.34
N VAL A 43 -7.56 -1.39 29.74
CA VAL A 43 -8.28 -0.39 28.96
C VAL A 43 -8.17 0.94 29.69
N ASP A 44 -7.45 1.88 29.09
CA ASP A 44 -7.20 3.19 29.69
C ASP A 44 -6.62 3.06 31.09
N GLY A 45 -5.78 2.03 31.29
CA GLY A 45 -5.18 1.77 32.58
C GLY A 45 -5.88 0.69 33.37
N VAL A 46 -7.21 0.64 33.30
CA VAL A 46 -7.99 -0.30 34.09
C VAL A 46 -7.95 -1.67 33.43
N GLU A 47 -7.66 -2.70 34.23
CA GLU A 47 -7.58 -4.06 33.72
C GLU A 47 -8.97 -4.61 33.41
N VAL A 48 -9.07 -5.36 32.31
CA VAL A 48 -10.28 -6.06 31.93
C VAL A 48 -9.92 -7.51 31.62
N HIS A 49 -10.93 -8.38 31.69
CA HIS A 49 -10.73 -9.83 31.60
C HIS A 49 -11.74 -10.45 30.64
N ASN A 50 -11.89 -9.86 29.46
CA ASN A 50 -12.81 -10.36 28.45
C ASN A 50 -12.05 -10.94 27.25
N ALA A 51 -10.94 -11.63 27.52
CA ALA A 51 -10.05 -12.11 26.48
C ALA A 51 -10.41 -13.51 26.03
N LYS A 52 -10.14 -13.79 24.76
CA LYS A 52 -10.33 -15.12 24.16
C LYS A 52 -8.95 -15.59 23.66
N THR A 53 -8.31 -16.46 24.44
CA THR A 53 -6.99 -16.98 24.09
C THR A 53 -7.17 -18.23 23.24
N LYS A 54 -7.03 -18.07 21.93
CA LYS A 54 -7.14 -19.22 21.03
C LYS A 54 -6.00 -20.21 21.29
N PRO A 55 -6.26 -21.51 21.19
CA PRO A 55 -5.17 -22.48 21.28
C PRO A 55 -4.19 -22.30 20.12
N ARG A 56 -2.93 -22.61 20.39
CA ARG A 56 -1.87 -22.31 19.44
C ARG A 56 -1.86 -23.30 18.28
N GLU A 57 -1.01 -23.01 17.30
CA GLU A 57 -0.87 -23.78 16.07
C GLU A 57 0.53 -24.39 16.02
N GLU A 58 0.86 -24.99 14.88
CA GLU A 58 2.22 -25.47 14.63
C GLU A 58 2.69 -24.94 13.30
N GLN A 59 3.73 -24.11 13.33
CA GLN A 59 4.31 -23.52 12.13
C GLN A 59 5.41 -24.42 11.57
N TYR A 60 5.85 -24.10 10.35
CA TYR A 60 6.84 -24.92 9.67
C TYR A 60 8.24 -24.72 10.25
N ASN A 61 8.57 -23.50 10.66
CA ASN A 61 9.88 -23.21 11.22
C ASN A 61 9.93 -23.47 12.73
N SER A 62 9.05 -24.32 13.25
CA SER A 62 9.06 -24.77 14.63
C SER A 62 8.85 -23.63 15.62
N THR A 63 8.13 -22.59 15.21
CA THR A 63 7.80 -21.47 16.09
C THR A 63 6.29 -21.26 16.04
N TYR A 64 5.61 -21.72 17.09
CA TYR A 64 4.16 -21.70 17.16
C TYR A 64 3.66 -20.29 17.50
N ARG A 65 2.36 -20.11 17.35
CA ARG A 65 1.73 -18.82 17.56
C ARG A 65 0.54 -18.86 18.51
N VAL A 66 0.51 -17.92 19.41
CA VAL A 66 -0.59 -17.81 20.37
C VAL A 66 -1.27 -16.47 20.16
N VAL A 67 -2.59 -16.49 20.05
CA VAL A 67 -3.40 -15.30 19.78
C VAL A 67 -4.42 -15.14 20.88
N SER A 68 -4.50 -13.94 21.45
CA SER A 68 -5.52 -13.58 22.43
C SER A 68 -6.46 -12.56 21.80
N VAL A 69 -7.76 -12.81 21.94
CA VAL A 69 -8.80 -12.02 21.27
C VAL A 69 -9.68 -11.37 22.33
N LEU A 70 -9.88 -10.07 22.21
CA LEU A 70 -10.75 -9.31 23.11
C LEU A 70 -11.70 -8.46 22.29
N THR A 71 -13.00 -8.55 22.59
CA THR A 71 -14.01 -7.76 21.92
C THR A 71 -14.27 -6.48 22.71
N VAL A 72 -14.36 -5.36 22.00
CA VAL A 72 -14.55 -4.05 22.61
C VAL A 72 -15.88 -3.48 22.16
N LEU A 73 -16.29 -2.39 22.82
CA LEU A 73 -17.50 -1.69 22.44
C LEU A 73 -17.23 -0.79 21.24
N HIS A 74 -18.24 -0.67 20.36
CA HIS A 74 -18.07 0.11 19.15
C HIS A 74 -17.77 1.57 19.47
N GLN A 75 -18.54 2.16 20.39
CA GLN A 75 -18.34 3.57 20.73
C GLN A 75 -17.04 3.79 21.48
N ASP A 76 -16.61 2.82 22.29
CA ASP A 76 -15.34 2.97 23.00
C ASP A 76 -14.17 3.11 22.04
N TRP A 77 -14.15 2.29 20.98
CA TRP A 77 -13.13 2.44 19.96
C TRP A 77 -13.27 3.78 19.23
N LEU A 78 -14.50 4.17 18.91
CA LEU A 78 -14.71 5.45 18.23
C LEU A 78 -14.37 6.62 19.13
N ASN A 79 -14.60 6.50 20.44
CA ASN A 79 -14.23 7.55 21.38
C ASN A 79 -12.72 7.62 21.60
N GLY A 80 -11.96 6.66 21.10
CA GLY A 80 -10.51 6.73 21.19
C GLY A 80 -9.89 6.08 22.41
N LYS A 81 -10.61 5.19 23.09
CA LYS A 81 -10.04 4.50 24.23
C LYS A 81 -8.88 3.61 23.80
N GLU A 82 -7.84 3.57 24.62
CA GLU A 82 -6.65 2.78 24.34
C GLU A 82 -6.81 1.36 24.90
N TYR A 83 -6.04 0.44 24.33
CA TYR A 83 -6.05 -0.95 24.76
C TYR A 83 -4.61 -1.44 24.84
N LYS A 84 -4.28 -2.13 25.93
CA LYS A 84 -2.92 -2.59 26.19
C LYS A 84 -2.91 -4.09 26.41
N CYS A 85 -2.09 -4.80 25.63
CA CYS A 85 -1.89 -6.23 25.75
C CYS A 85 -0.55 -6.49 26.41
N LYS A 86 -0.55 -7.27 27.48
CA LYS A 86 0.66 -7.60 28.23
C LYS A 86 0.94 -9.08 28.12
N VAL A 87 2.22 -9.43 27.99
CA VAL A 87 2.65 -10.81 27.84
C VAL A 87 3.77 -11.09 28.83
N SER A 88 3.93 -12.37 29.16
CA SER A 88 5.00 -12.81 30.04
C SER A 88 5.32 -14.27 29.75
N ASN A 89 6.51 -14.68 30.13
CA ASN A 89 6.99 -16.04 29.88
C ASN A 89 8.24 -16.25 30.73
N LYS A 90 8.78 -17.47 30.68
CA LYS A 90 10.05 -17.77 31.33
C LYS A 90 11.25 -17.55 30.43
N ALA A 91 11.02 -17.10 29.19
CA ALA A 91 12.07 -16.63 28.31
C ALA A 91 12.04 -15.12 28.11
N LEU A 92 11.09 -14.43 28.72
CA LEU A 92 10.94 -12.99 28.56
C LEU A 92 11.27 -12.29 29.88
N PRO A 93 12.37 -11.54 29.94
CA PRO A 93 12.71 -10.87 31.21
C PRO A 93 11.68 -9.83 31.64
N ALA A 94 11.23 -8.98 30.72
CA ALA A 94 10.29 -7.94 31.06
C ALA A 94 8.91 -8.24 30.47
N PRO A 95 7.83 -7.75 31.10
CA PRO A 95 6.50 -7.92 30.51
C PRO A 95 6.28 -6.97 29.33
N ILE A 96 6.73 -7.36 28.14
CA ILE A 96 6.59 -6.51 26.96
C ILE A 96 5.13 -6.17 26.74
N GLU A 97 4.85 -4.86 26.64
CA GLU A 97 3.49 -4.34 26.43
C GLU A 97 3.36 -3.79 25.02
N LYS A 98 2.15 -3.34 24.72
CA LYS A 98 1.83 -2.75 23.42
C LYS A 98 0.46 -2.10 23.52
N THR A 99 0.35 -0.88 22.99
CA THR A 99 -0.87 -0.08 23.11
C THR A 99 -1.33 0.35 21.73
N ILE A 100 -2.64 0.35 21.51
CA ILE A 100 -3.24 0.73 20.24
C ILE A 100 -4.49 1.57 20.51
N SER A 101 -4.71 2.58 19.66
CA SER A 101 -5.90 3.41 19.73
C SER A 101 -6.23 3.91 18.34
N LYS A 102 -7.47 4.35 18.16
CA LYS A 102 -7.89 4.91 16.89
C LYS A 102 -7.14 6.21 16.61
N ALA A 103 -7.01 6.55 15.32
CA ALA A 103 -6.29 7.74 14.93
C ALA A 103 -6.95 8.99 15.50
N LYS A 104 -6.14 9.87 16.08
CA LYS A 104 -6.64 11.11 16.66
C LYS A 104 -6.85 12.16 15.56
N GLY A 105 -7.92 12.93 15.71
CA GLY A 105 -8.23 14.00 14.77
C GLY A 105 -9.73 14.09 14.56
N GLN A 106 -10.16 15.22 14.03
CA GLN A 106 -11.58 15.44 13.79
C GLN A 106 -12.00 14.68 12.54
N PRO A 107 -12.98 13.77 12.63
CA PRO A 107 -13.46 13.08 11.43
C PRO A 107 -14.05 14.06 10.42
N ARG A 108 -13.82 13.76 9.14
CA ARG A 108 -14.29 14.59 8.04
C ARG A 108 -15.17 13.76 7.11
N GLU A 109 -16.24 14.37 6.62
CA GLU A 109 -17.21 13.64 5.80
C GLU A 109 -16.61 13.29 4.44
N PRO A 110 -16.59 12.03 4.06
CA PRO A 110 -16.10 11.67 2.72
C PRO A 110 -17.06 12.14 1.63
N GLN A 111 -16.50 12.37 0.45
CA GLN A 111 -17.26 12.74 -0.74
C GLN A 111 -17.18 11.58 -1.73
N VAL A 112 -18.33 11.09 -2.18
CA VAL A 112 -18.42 9.91 -3.02
C VAL A 112 -18.75 10.35 -4.43
N TYR A 113 -17.90 9.99 -5.39
CA TYR A 113 -18.10 10.29 -6.80
C TYR A 113 -17.97 9.01 -7.61
N THR A 114 -18.93 8.78 -8.49
CA THR A 114 -18.90 7.64 -9.39
C THR A 114 -18.51 8.11 -10.79
N LEU A 115 -17.49 7.48 -11.36
CA LEU A 115 -16.97 7.90 -12.65
C LEU A 115 -17.23 6.84 -13.70
N PRO A 116 -17.58 7.24 -14.92
CA PRO A 116 -17.85 6.27 -15.98
C PRO A 116 -16.58 5.84 -16.67
N PRO A 117 -16.59 4.70 -17.36
CA PRO A 117 -15.39 4.27 -18.10
C PRO A 117 -15.07 5.24 -19.23
N SER A 118 -13.79 5.33 -19.56
CA SER A 118 -13.36 6.20 -20.64
C SER A 118 -13.85 5.67 -21.98
N ARG A 119 -14.01 6.58 -22.94
CA ARG A 119 -14.51 6.19 -24.26
C ARG A 119 -13.60 5.19 -24.93
N ASP A 120 -12.29 5.23 -24.63
CA ASP A 120 -11.36 4.28 -25.21
C ASP A 120 -11.58 2.86 -24.71
N GLU A 121 -12.19 2.70 -23.54
CA GLU A 121 -12.41 1.38 -22.97
C GLU A 121 -13.66 0.69 -23.50
N LEU A 122 -14.46 1.40 -24.32
CA LEU A 122 -15.65 0.78 -24.89
C LEU A 122 -15.29 -0.35 -25.84
N THR A 123 -14.18 -0.24 -26.56
CA THR A 123 -13.79 -1.23 -27.55
C THR A 123 -13.29 -2.53 -26.91
N LYS A 124 -13.33 -2.66 -25.59
CA LYS A 124 -12.85 -3.86 -24.92
C LYS A 124 -14.03 -4.72 -24.49
N ASN A 125 -13.73 -5.98 -24.15
CA ASN A 125 -14.76 -6.92 -23.76
C ASN A 125 -15.45 -6.53 -22.46
N GLN A 126 -14.78 -5.74 -21.61
CA GLN A 126 -15.33 -5.35 -20.32
C GLN A 126 -15.04 -3.87 -20.07
N VAL A 127 -15.83 -3.28 -19.18
CA VAL A 127 -15.65 -1.90 -18.77
C VAL A 127 -15.44 -1.86 -17.26
N SER A 128 -14.66 -0.89 -16.81
CA SER A 128 -14.29 -0.74 -15.41
C SER A 128 -15.01 0.47 -14.81
N LEU A 129 -15.80 0.24 -13.78
CA LEU A 129 -16.44 1.33 -13.06
C LEU A 129 -15.48 1.92 -12.03
N THR A 130 -15.69 3.20 -11.71
CA THR A 130 -14.81 3.92 -10.81
C THR A 130 -15.63 4.64 -9.75
N CYS A 131 -15.23 4.46 -8.49
CA CYS A 131 -15.83 5.18 -7.37
C CYS A 131 -14.73 5.91 -6.63
N LEU A 132 -14.90 7.23 -6.47
CA LEU A 132 -13.91 8.07 -5.84
C LEU A 132 -14.38 8.44 -4.44
N VAL A 133 -13.59 8.06 -3.43
CA VAL A 133 -13.81 8.45 -2.05
C VAL A 133 -12.63 9.32 -1.64
N LYS A 134 -12.93 10.49 -1.08
CA LYS A 134 -11.89 11.46 -0.78
C LYS A 134 -12.32 12.33 0.39
N GLY A 135 -11.35 12.98 1.00
CA GLY A 135 -11.63 13.93 2.06
C GLY A 135 -12.12 13.31 3.36
N PHE A 136 -11.81 12.05 3.62
CA PHE A 136 -12.24 11.38 4.83
C PHE A 136 -11.07 11.17 5.78
N TYR A 137 -11.38 11.18 7.08
CA TYR A 137 -10.42 10.94 8.13
C TYR A 137 -11.19 10.36 9.31
N PRO A 138 -10.65 9.34 9.99
CA PRO A 138 -9.37 8.67 9.73
C PRO A 138 -9.39 7.74 8.52
N SER A 139 -8.27 7.08 8.26
CA SER A 139 -8.18 6.16 7.13
C SER A 139 -9.09 4.94 7.27
N ASP A 140 -9.56 4.64 8.49
CA ASP A 140 -10.44 3.50 8.70
C ASP A 140 -11.75 3.70 7.94
N ILE A 141 -11.96 2.89 6.91
CA ILE A 141 -13.11 3.01 6.02
C ILE A 141 -13.42 1.65 5.42
N ALA A 142 -14.57 1.55 4.75
CA ALA A 142 -14.98 0.32 4.09
C ALA A 142 -15.81 0.67 2.86
N VAL A 143 -15.48 0.04 1.73
CA VAL A 143 -16.13 0.30 0.45
C VAL A 143 -16.62 -1.01 -0.13
N GLU A 144 -17.87 -1.02 -0.61
CA GLU A 144 -18.47 -2.18 -1.25
C GLU A 144 -19.17 -1.74 -2.54
N TRP A 145 -19.53 -2.73 -3.35
CA TRP A 145 -20.28 -2.51 -4.58
C TRP A 145 -21.54 -3.35 -4.58
N GLU A 146 -22.65 -2.75 -5.01
CA GLU A 146 -23.92 -3.44 -5.12
C GLU A 146 -24.64 -2.98 -6.38
N SER A 147 -25.46 -3.88 -6.93
CA SER A 147 -26.25 -3.57 -8.13
C SER A 147 -27.62 -4.20 -7.98
N ASN A 148 -28.65 -3.34 -7.93
CA ASN A 148 -30.05 -3.77 -7.86
C ASN A 148 -30.31 -4.68 -6.66
N GLY A 149 -29.75 -4.30 -5.51
CA GLY A 149 -30.04 -4.98 -4.27
C GLY A 149 -29.21 -6.21 -3.98
N GLN A 150 -28.21 -6.51 -4.80
CA GLN A 150 -27.34 -7.65 -4.57
C GLN A 150 -25.88 -7.22 -4.70
N PRO A 151 -24.96 -7.88 -3.99
CA PRO A 151 -23.57 -7.40 -3.95
C PRO A 151 -22.77 -7.84 -5.17
N GLU A 152 -22.22 -6.87 -5.89
CA GLU A 152 -21.21 -7.15 -6.91
C GLU A 152 -19.86 -7.31 -6.22
N ASN A 153 -19.14 -8.37 -6.57
CA ASN A 153 -17.89 -8.70 -5.91
C ASN A 153 -16.69 -8.75 -6.83
N ASN A 154 -16.86 -8.45 -8.13
CA ASN A 154 -15.74 -8.40 -9.06
C ASN A 154 -15.12 -7.00 -9.05
N TYR A 155 -14.56 -6.63 -7.90
CA TYR A 155 -13.99 -5.31 -7.70
C TYR A 155 -12.77 -5.40 -6.80
N LYS A 156 -11.91 -4.40 -6.92
CA LYS A 156 -10.75 -4.22 -6.06
C LYS A 156 -10.76 -2.80 -5.52
N THR A 157 -10.36 -2.65 -4.26
CA THR A 157 -10.36 -1.36 -3.59
C THR A 157 -8.92 -0.96 -3.26
N THR A 158 -8.53 0.24 -3.68
CA THR A 158 -7.19 0.73 -3.43
C THR A 158 -7.01 1.05 -1.94
N PRO A 159 -5.77 1.01 -1.45
CA PRO A 159 -5.52 1.43 -0.07
C PRO A 159 -5.73 2.93 0.08
N PRO A 160 -6.00 3.40 1.29
CA PRO A 160 -6.12 4.85 1.51
C PRO A 160 -4.78 5.53 1.32
N VAL A 161 -4.83 6.75 0.78
CA VAL A 161 -3.63 7.55 0.53
C VAL A 161 -3.84 8.91 1.18
N LEU A 162 -2.83 9.37 1.93
CA LEU A 162 -2.90 10.68 2.54
C LEU A 162 -2.81 11.76 1.47
N ASP A 163 -3.79 12.66 1.44
CA ASP A 163 -3.84 13.71 0.45
C ASP A 163 -2.99 14.89 0.93
N SER A 164 -3.02 16.00 0.18
CA SER A 164 -2.19 17.14 0.51
C SER A 164 -2.78 18.01 1.62
N ASP A 165 -4.06 17.86 1.93
CA ASP A 165 -4.70 18.66 2.98
C ASP A 165 -4.78 17.93 4.31
N GLY A 166 -4.24 16.72 4.42
CA GLY A 166 -4.30 15.95 5.63
C GLY A 166 -5.40 14.90 5.66
N SER A 167 -6.28 14.89 4.67
CA SER A 167 -7.32 13.88 4.57
C SER A 167 -6.85 12.70 3.72
N PHE A 168 -7.62 11.62 3.74
CA PHE A 168 -7.31 10.43 2.97
C PHE A 168 -8.25 10.30 1.78
N PHE A 169 -7.82 9.49 0.81
CA PHE A 169 -8.61 9.21 -0.37
C PHE A 169 -8.25 7.83 -0.90
N LEU A 170 -9.13 7.30 -1.74
CA LEU A 170 -8.89 5.99 -2.37
C LEU A 170 -9.79 5.88 -3.59
N TYR A 171 -9.73 4.71 -4.22
CA TYR A 171 -10.58 4.39 -5.36
C TYR A 171 -11.01 2.93 -5.25
N SER A 172 -12.07 2.59 -5.97
CA SER A 172 -12.49 1.20 -6.10
C SER A 172 -12.94 0.99 -7.53
N LYS A 173 -12.49 -0.11 -8.13
CA LYS A 173 -12.74 -0.39 -9.54
C LYS A 173 -13.57 -1.66 -9.66
N LEU A 174 -14.82 -1.51 -10.11
CA LEU A 174 -15.70 -2.65 -10.38
C LEU A 174 -15.72 -2.91 -11.87
N THR A 175 -15.41 -4.14 -12.26
CA THR A 175 -15.33 -4.52 -13.67
C THR A 175 -16.58 -5.31 -14.05
N VAL A 176 -17.28 -4.84 -15.08
CA VAL A 176 -18.47 -5.49 -15.59
C VAL A 176 -18.34 -5.64 -17.10
N ASP A 177 -19.07 -6.61 -17.64
CA ASP A 177 -19.04 -6.86 -19.07
C ASP A 177 -19.73 -5.73 -19.82
N LYS A 178 -19.20 -5.43 -21.02
CA LYS A 178 -19.73 -4.32 -21.81
C LYS A 178 -21.19 -4.49 -22.16
N SER A 179 -21.69 -5.73 -22.17
CA SER A 179 -23.10 -5.96 -22.42
C SER A 179 -23.96 -5.31 -21.34
N ARG A 180 -23.63 -5.55 -20.07
CA ARG A 180 -24.46 -5.06 -18.97
C ARG A 180 -24.51 -3.54 -18.94
N TRP A 181 -23.36 -2.88 -19.13
CA TRP A 181 -23.31 -1.42 -19.05
C TRP A 181 -24.11 -0.77 -20.16
N GLN A 182 -24.18 -1.39 -21.34
CA GLN A 182 -24.89 -0.78 -22.46
C GLN A 182 -26.41 -0.85 -22.28
N GLN A 183 -26.92 -1.83 -21.53
CA GLN A 183 -28.35 -1.92 -21.30
C GLN A 183 -28.86 -0.69 -20.53
N GLY A 184 -28.13 -0.28 -19.50
CA GLY A 184 -28.57 0.82 -18.66
C GLY A 184 -28.69 0.42 -17.21
N ASN A 185 -28.09 -0.71 -16.84
CA ASN A 185 -28.15 -1.18 -15.46
C ASN A 185 -27.47 -0.19 -14.52
N VAL A 186 -28.05 -0.04 -13.34
CA VAL A 186 -27.59 0.94 -12.36
C VAL A 186 -26.73 0.24 -11.33
N PHE A 187 -25.54 0.79 -11.06
CA PHE A 187 -24.61 0.24 -10.09
C PHE A 187 -24.38 1.25 -8.99
N SER A 188 -24.35 0.77 -7.75
CA SER A 188 -24.20 1.63 -6.57
C SER A 188 -22.86 1.36 -5.88
N CYS A 189 -22.21 2.43 -5.44
CA CYS A 189 -20.98 2.35 -4.66
C CYS A 189 -21.30 2.75 -3.22
N SER A 190 -21.07 1.83 -2.29
CA SER A 190 -21.40 2.04 -0.89
C SER A 190 -20.14 2.37 -0.11
N VAL A 191 -20.21 3.43 0.69
CA VAL A 191 -19.10 3.88 1.52
C VAL A 191 -19.57 3.97 2.96
N MET A 192 -18.80 3.40 3.88
CA MET A 192 -19.15 3.40 5.30
C MET A 192 -18.05 4.12 6.07
N HIS A 193 -18.44 5.16 6.81
CA HIS A 193 -17.50 5.92 7.62
C HIS A 193 -18.27 6.60 8.74
N GLU A 194 -17.61 6.81 9.88
CA GLU A 194 -18.27 7.42 11.02
C GLU A 194 -18.71 8.85 10.74
N ALA A 195 -18.04 9.53 9.81
CA ALA A 195 -18.37 10.92 9.48
C ALA A 195 -19.60 11.05 8.59
N LEU A 196 -20.23 9.94 8.23
CA LEU A 196 -21.45 9.94 7.44
C LEU A 196 -22.64 9.69 8.34
N HIS A 197 -23.76 10.33 8.01
CA HIS A 197 -24.99 10.07 8.75
C HIS A 197 -25.36 8.60 8.61
N ASN A 198 -25.65 7.96 9.74
CA ASN A 198 -25.92 6.52 9.79
C ASN A 198 -24.77 5.69 9.26
N HIS A 199 -23.57 6.26 9.22
CA HIS A 199 -22.33 5.56 8.84
C HIS A 199 -22.44 4.93 7.46
N TYR A 200 -23.23 5.52 6.57
CA TYR A 200 -23.46 4.90 5.26
C TYR A 200 -23.93 5.96 4.27
N THR A 201 -23.38 5.89 3.06
CA THR A 201 -23.86 6.67 1.93
C THR A 201 -23.56 5.90 0.66
N GLN A 202 -24.34 6.17 -0.38
CA GLN A 202 -24.18 5.44 -1.63
C GLN A 202 -24.51 6.35 -2.81
N LYS A 203 -23.81 6.13 -3.91
CA LYS A 203 -24.03 6.87 -5.16
C LYS A 203 -24.19 5.89 -6.30
N SER A 204 -25.11 6.21 -7.21
CA SER A 204 -25.42 5.33 -8.34
C SER A 204 -24.62 5.74 -9.58
N LEU A 205 -24.65 4.87 -10.58
CA LEU A 205 -23.90 5.08 -11.81
C LEU A 205 -24.52 4.23 -12.92
N SER A 206 -25.02 4.87 -13.96
CA SER A 206 -25.66 4.14 -15.06
C SER A 206 -25.46 4.90 -16.36
N LEU A 207 -25.58 4.17 -17.46
CA LEU A 207 -25.47 4.79 -18.78
C LEU A 207 -26.69 5.66 -19.05
N SER A 208 -26.46 6.86 -19.56
CA SER A 208 -27.55 7.78 -19.87
C SER A 208 -27.08 8.88 -20.83
N GLY B 1 24.92 -7.81 16.53
CA GLY B 1 24.37 -8.57 15.41
C GLY B 1 23.95 -7.69 14.26
N PRO B 2 24.82 -7.54 13.27
CA PRO B 2 24.49 -6.71 12.10
C PRO B 2 23.33 -7.28 11.30
N SER B 3 22.60 -6.38 10.65
CA SER B 3 21.55 -6.74 9.71
C SER B 3 21.78 -6.01 8.40
N VAL B 4 21.41 -6.65 7.30
CA VAL B 4 21.72 -6.17 5.96
C VAL B 4 20.41 -5.87 5.24
N PHE B 5 20.36 -4.73 4.56
CA PHE B 5 19.19 -4.29 3.81
C PHE B 5 19.58 -3.99 2.37
N LEU B 6 18.80 -4.49 1.42
CA LEU B 6 19.05 -4.34 0.00
C LEU B 6 17.87 -3.64 -0.65
N PHE B 7 18.17 -2.72 -1.57
CA PHE B 7 17.13 -1.91 -2.18
C PHE B 7 17.23 -1.96 -3.70
N PRO B 8 16.10 -1.90 -4.40
CA PRO B 8 16.12 -1.97 -5.86
C PRO B 8 16.28 -0.59 -6.48
N PRO B 9 16.62 -0.50 -7.76
CA PRO B 9 16.62 0.79 -8.44
C PRO B 9 15.21 1.34 -8.58
N LYS B 10 15.13 2.66 -8.65
CA LYS B 10 13.85 3.31 -8.87
C LYS B 10 13.32 2.96 -10.26
N PRO B 11 11.99 2.89 -10.42
CA PRO B 11 11.44 2.42 -11.71
C PRO B 11 11.86 3.27 -12.90
N LYS B 12 12.00 4.59 -12.72
CA LYS B 12 12.37 5.44 -13.85
C LYS B 12 13.81 5.20 -14.29
N ASP B 13 14.68 4.75 -13.38
CA ASP B 13 16.10 4.61 -13.70
C ASP B 13 16.34 3.57 -14.79
N THR B 14 15.47 2.59 -14.91
CA THR B 14 15.68 1.51 -15.86
C THR B 14 14.98 1.73 -17.20
N LEU B 15 13.90 2.53 -17.22
CA LEU B 15 13.10 2.68 -18.42
C LEU B 15 13.74 3.59 -19.47
N MET B 16 14.72 4.39 -19.09
CA MET B 16 15.41 5.27 -20.02
C MET B 16 16.91 5.19 -19.76
N ILE B 17 17.69 5.09 -20.85
CA ILE B 17 19.14 5.03 -20.73
C ILE B 17 19.75 6.35 -20.26
N SER B 18 18.94 7.41 -20.19
CA SER B 18 19.45 8.70 -19.72
C SER B 18 19.81 8.69 -18.25
N ARG B 19 19.34 7.71 -17.49
CA ARG B 19 19.58 7.63 -16.06
C ARG B 19 20.50 6.44 -15.75
N THR B 20 20.75 6.23 -14.46
CA THR B 20 21.69 5.23 -13.98
C THR B 20 21.08 4.40 -12.86
N PRO B 21 20.56 3.21 -13.16
CA PRO B 21 20.00 2.36 -12.10
C PRO B 21 21.11 1.80 -11.21
N GLU B 22 20.81 1.72 -9.92
CA GLU B 22 21.78 1.25 -8.94
C GLU B 22 21.09 0.41 -7.88
N VAL B 23 21.85 -0.48 -7.27
CA VAL B 23 21.39 -1.31 -6.16
C VAL B 23 22.28 -1.02 -4.96
N THR B 24 21.66 -0.72 -3.83
CA THR B 24 22.37 -0.29 -2.63
C THR B 24 22.26 -1.34 -1.53
N CYS B 25 23.41 -1.75 -1.00
CA CYS B 25 23.48 -2.72 0.08
C CYS B 25 23.93 -1.99 1.35
N VAL B 26 23.08 -2.01 2.37
CA VAL B 26 23.28 -1.23 3.59
C VAL B 26 23.43 -2.20 4.76
N VAL B 27 24.44 -1.95 5.60
CA VAL B 27 24.68 -2.74 6.80
C VAL B 27 24.57 -1.81 8.00
N VAL B 28 23.74 -2.20 8.98
CA VAL B 28 23.56 -1.44 10.20
C VAL B 28 23.86 -2.35 11.39
N ASP B 29 23.88 -1.75 12.58
CA ASP B 29 24.22 -2.46 13.82
C ASP B 29 25.60 -3.10 13.74
N VAL B 30 26.54 -2.39 13.13
CA VAL B 30 27.92 -2.87 13.05
C VAL B 30 28.58 -2.70 14.42
N SER B 31 29.01 -3.81 15.01
CA SER B 31 29.53 -3.78 16.37
C SER B 31 30.79 -2.93 16.45
N HIS B 32 30.97 -2.27 17.59
CA HIS B 32 32.20 -1.52 17.82
C HIS B 32 33.38 -2.44 18.06
N GLU B 33 33.12 -3.65 18.57
CA GLU B 33 34.20 -4.61 18.80
C GLU B 33 34.87 -5.02 17.50
N ASP B 34 34.09 -5.31 16.47
CA ASP B 34 34.59 -5.77 15.18
C ASP B 34 33.95 -4.97 14.06
N PRO B 35 34.52 -3.82 13.71
CA PRO B 35 33.92 -2.96 12.67
C PRO B 35 34.40 -3.22 11.25
N GLU B 36 35.10 -4.32 11.00
CA GLU B 36 35.55 -4.65 9.65
C GLU B 36 34.46 -5.39 8.91
N VAL B 37 34.17 -4.94 7.69
CA VAL B 37 33.10 -5.50 6.85
C VAL B 37 33.63 -5.68 5.44
N LYS B 38 33.34 -6.84 4.85
CA LYS B 38 33.69 -7.14 3.47
C LYS B 38 32.43 -7.33 2.65
N PHE B 39 32.42 -6.75 1.45
CA PHE B 39 31.27 -6.83 0.54
C PHE B 39 31.62 -7.74 -0.63
N ASN B 40 30.86 -8.81 -0.79
CA ASN B 40 30.94 -9.69 -1.97
C ASN B 40 29.66 -9.55 -2.76
N TRP B 41 29.79 -9.23 -4.05
CA TRP B 41 28.64 -9.04 -4.92
C TRP B 41 28.59 -10.16 -5.96
N TYR B 42 27.37 -10.64 -6.24
CA TYR B 42 27.16 -11.68 -7.22
C TYR B 42 25.96 -11.33 -8.08
N VAL B 43 26.08 -11.60 -9.38
CA VAL B 43 24.99 -11.40 -10.34
C VAL B 43 24.76 -12.73 -11.04
N ASP B 44 23.61 -13.35 -10.77
CA ASP B 44 23.29 -14.67 -11.31
C ASP B 44 24.40 -15.68 -10.99
N GLY B 45 24.85 -15.66 -9.75
CA GLY B 45 25.86 -16.61 -9.29
C GLY B 45 27.30 -16.17 -9.41
N VAL B 46 27.70 -15.65 -10.58
CA VAL B 46 29.07 -15.26 -10.80
C VAL B 46 29.36 -13.94 -10.08
N GLU B 47 30.53 -13.87 -9.47
CA GLU B 47 30.91 -12.69 -8.70
C GLU B 47 31.22 -11.53 -9.62
N VAL B 48 30.78 -10.33 -9.22
CA VAL B 48 31.12 -9.09 -9.92
C VAL B 48 32.02 -8.28 -9.00
N HIS B 49 32.85 -7.43 -9.61
CA HIS B 49 33.89 -6.72 -8.88
C HIS B 49 33.91 -5.23 -9.19
N ASN B 50 32.80 -4.66 -9.66
CA ASN B 50 32.71 -3.24 -9.94
C ASN B 50 31.81 -2.54 -8.92
N ALA B 51 31.89 -2.95 -7.66
CA ALA B 51 31.14 -2.33 -6.59
C ALA B 51 31.96 -1.21 -5.96
N LYS B 52 31.29 -0.09 -5.70
CA LYS B 52 31.92 1.09 -5.10
C LYS B 52 31.37 1.23 -3.68
N THR B 53 32.19 0.82 -2.70
CA THR B 53 31.80 0.83 -1.30
C THR B 53 32.30 2.12 -0.64
N LYS B 54 31.40 2.83 0.04
CA LYS B 54 31.75 4.04 0.75
C LYS B 54 32.24 3.71 2.16
N PRO B 55 33.14 4.53 2.71
CA PRO B 55 33.67 4.24 4.05
C PRO B 55 32.59 4.35 5.12
N ARG B 56 32.82 3.63 6.21
CA ARG B 56 31.84 3.50 7.27
C ARG B 56 31.54 4.85 7.91
N GLU B 57 30.30 4.99 8.39
CA GLU B 57 29.87 6.15 9.16
C GLU B 57 29.31 5.66 10.48
N GLU B 58 29.76 6.27 11.57
CA GLU B 58 29.25 5.91 12.90
C GLU B 58 27.94 6.64 13.16
N GLN B 59 26.91 5.87 13.52
CA GLN B 59 25.62 6.45 13.84
C GLN B 59 25.61 6.95 15.28
N TYR B 60 24.47 7.49 15.72
CA TYR B 60 24.38 8.05 17.06
C TYR B 60 24.25 6.98 18.14
N ASN B 61 23.92 5.74 17.79
CA ASN B 61 23.90 4.66 18.75
C ASN B 61 25.24 3.92 18.81
N SER B 62 26.32 4.57 18.39
CA SER B 62 27.67 3.98 18.39
C SER B 62 27.72 2.69 17.58
N THR B 63 26.91 2.62 16.53
CA THR B 63 26.92 1.50 15.58
C THR B 63 27.26 2.04 14.20
N TYR B 64 28.21 1.39 13.54
CA TYR B 64 28.68 1.88 12.25
C TYR B 64 27.74 1.44 11.14
N ARG B 65 27.84 2.13 10.00
CA ARG B 65 27.04 1.84 8.82
C ARG B 65 27.93 1.90 7.59
N VAL B 66 27.99 0.80 6.86
CA VAL B 66 28.72 0.71 5.60
C VAL B 66 27.72 0.55 4.47
N VAL B 67 27.95 1.25 3.37
CA VAL B 67 27.07 1.24 2.21
C VAL B 67 27.88 0.92 0.97
N SER B 68 27.45 -0.09 0.22
CA SER B 68 28.06 -0.48 -1.05
C SER B 68 27.02 -0.39 -2.15
N VAL B 69 27.36 0.31 -3.24
CA VAL B 69 26.45 0.57 -4.34
C VAL B 69 27.04 -0.01 -5.61
N LEU B 70 26.23 -0.80 -6.33
CA LEU B 70 26.62 -1.41 -7.59
C LEU B 70 25.71 -0.88 -8.69
N THR B 71 26.31 -0.33 -9.75
CA THR B 71 25.57 0.20 -10.88
C THR B 71 25.29 -0.94 -11.86
N VAL B 72 24.01 -1.10 -12.21
CA VAL B 72 23.56 -2.21 -13.03
C VAL B 72 23.27 -1.72 -14.44
N LEU B 73 23.06 -2.66 -15.35
CA LEU B 73 22.69 -2.36 -16.72
C LEU B 73 21.18 -2.40 -16.88
N HIS B 74 20.67 -1.50 -17.72
CA HIS B 74 19.22 -1.36 -17.87
C HIS B 74 18.59 -2.64 -18.40
N GLN B 75 19.21 -3.26 -19.41
CA GLN B 75 18.65 -4.48 -19.98
C GLN B 75 18.80 -5.67 -19.05
N ASP B 76 19.89 -5.71 -18.27
CA ASP B 76 20.06 -6.81 -17.32
C ASP B 76 18.96 -6.82 -16.27
N TRP B 77 18.60 -5.64 -15.74
CA TRP B 77 17.52 -5.58 -14.77
C TRP B 77 16.19 -5.96 -15.40
N LEU B 78 15.92 -5.46 -16.62
CA LEU B 78 14.66 -5.79 -17.28
C LEU B 78 14.62 -7.23 -17.77
N ASN B 79 15.76 -7.89 -17.89
CA ASN B 79 15.80 -9.32 -18.19
C ASN B 79 15.66 -10.18 -16.94
N GLY B 80 15.59 -9.56 -15.76
CA GLY B 80 15.43 -10.31 -14.53
C GLY B 80 16.66 -11.10 -14.13
N LYS B 81 17.73 -10.40 -13.78
CA LYS B 81 18.95 -11.03 -13.29
C LYS B 81 19.09 -10.73 -11.81
N GLU B 82 19.28 -11.78 -11.01
CA GLU B 82 19.36 -11.62 -9.56
C GLU B 82 20.67 -10.98 -9.16
N TYR B 83 20.60 -10.04 -8.22
CA TYR B 83 21.77 -9.40 -7.63
C TYR B 83 21.87 -9.81 -6.17
N LYS B 84 23.04 -10.28 -5.77
CA LYS B 84 23.27 -10.82 -4.44
C LYS B 84 24.33 -10.00 -3.72
N CYS B 85 24.05 -9.60 -2.48
CA CYS B 85 25.00 -8.90 -1.64
C CYS B 85 25.41 -9.79 -0.47
N LYS B 86 26.71 -10.00 -0.30
CA LYS B 86 27.26 -10.84 0.76
C LYS B 86 28.06 -9.98 1.71
N VAL B 87 27.74 -10.07 3.00
CA VAL B 87 28.36 -9.25 4.03
C VAL B 87 28.98 -10.17 5.08
N SER B 88 30.26 -9.95 5.38
CA SER B 88 30.99 -10.76 6.35
C SER B 88 31.51 -9.89 7.47
N ASN B 89 31.44 -10.41 8.69
CA ASN B 89 31.90 -9.67 9.87
C ASN B 89 32.33 -10.66 10.94
N LYS B 90 33.28 -10.23 11.77
CA LYS B 90 33.79 -11.09 12.83
C LYS B 90 32.75 -11.38 13.91
N ALA B 91 31.70 -10.56 14.01
CA ALA B 91 30.65 -10.77 14.99
C ALA B 91 29.51 -11.63 14.46
N LEU B 92 29.61 -12.12 13.22
CA LEU B 92 28.57 -12.94 12.61
C LEU B 92 29.02 -14.39 12.55
N PRO B 93 28.27 -15.33 13.13
CA PRO B 93 28.63 -16.75 12.98
C PRO B 93 28.65 -17.21 11.53
N ALA B 94 27.75 -16.68 10.71
CA ALA B 94 27.71 -16.97 9.28
C ALA B 94 27.47 -15.69 8.52
N PRO B 95 28.04 -15.55 7.32
CA PRO B 95 27.83 -14.32 6.54
C PRO B 95 26.37 -14.16 6.15
N ILE B 96 25.94 -12.91 6.05
CA ILE B 96 24.57 -12.58 5.70
C ILE B 96 24.48 -12.38 4.20
N GLU B 97 23.47 -12.99 3.57
CA GLU B 97 23.23 -12.85 2.14
C GLU B 97 21.85 -12.27 1.91
N LYS B 98 21.76 -11.35 0.95
CA LYS B 98 20.49 -10.79 0.50
C LYS B 98 20.48 -10.76 -1.01
N THR B 99 19.37 -11.23 -1.60
CA THR B 99 19.21 -11.29 -3.04
C THR B 99 18.02 -10.43 -3.45
N ILE B 100 18.12 -9.78 -4.60
CA ILE B 100 17.06 -8.95 -5.12
C ILE B 100 17.11 -8.96 -6.64
N SER B 101 15.95 -8.80 -7.27
CA SER B 101 15.83 -8.76 -8.72
C SER B 101 14.43 -8.28 -9.06
N LYS B 102 14.19 -8.07 -10.35
CA LYS B 102 12.86 -7.72 -10.81
C LYS B 102 11.90 -8.88 -10.58
N ALA B 103 10.66 -8.55 -10.27
CA ALA B 103 9.64 -9.58 -10.04
C ALA B 103 9.41 -10.39 -11.31
N LYS B 104 9.38 -11.71 -11.16
CA LYS B 104 9.21 -12.59 -12.31
C LYS B 104 7.79 -12.50 -12.86
N GLY B 105 7.69 -12.66 -14.17
CA GLY B 105 6.41 -12.61 -14.86
C GLY B 105 6.54 -11.89 -16.19
N GLN B 106 5.72 -12.30 -17.15
CA GLN B 106 5.78 -11.71 -18.47
C GLN B 106 5.27 -10.27 -18.42
N PRO B 107 5.99 -9.32 -19.02
CA PRO B 107 5.51 -7.93 -19.02
C PRO B 107 4.17 -7.80 -19.73
N ARG B 108 3.34 -6.89 -19.22
CA ARG B 108 2.00 -6.67 -19.77
C ARG B 108 1.81 -5.17 -19.97
N GLU B 109 1.27 -4.81 -21.14
CA GLU B 109 1.15 -3.40 -21.51
C GLU B 109 0.05 -2.73 -20.73
N PRO B 110 0.35 -1.65 -20.00
CA PRO B 110 -0.72 -0.95 -19.26
C PRO B 110 -1.68 -0.25 -20.19
N GLN B 111 -2.92 -0.10 -19.70
CA GLN B 111 -3.95 0.68 -20.38
C GLN B 111 -4.12 2.00 -19.64
N VAL B 112 -4.09 3.10 -20.38
CA VAL B 112 -4.21 4.44 -19.82
C VAL B 112 -5.60 4.97 -20.15
N TYR B 113 -6.32 5.41 -19.12
CA TYR B 113 -7.64 5.99 -19.29
C TYR B 113 -7.77 7.23 -18.42
N THR B 114 -8.26 8.32 -18.99
CA THR B 114 -8.48 9.56 -18.28
C THR B 114 -9.98 9.76 -18.07
N LEU B 115 -10.36 10.10 -16.85
CA LEU B 115 -11.77 10.23 -16.49
C LEU B 115 -12.12 11.68 -16.21
N PRO B 116 -13.07 12.26 -16.93
CA PRO B 116 -13.53 13.60 -16.58
C PRO B 116 -14.18 13.59 -15.22
N PRO B 117 -14.16 14.72 -14.52
CA PRO B 117 -14.68 14.75 -13.15
C PRO B 117 -16.17 14.49 -13.08
N SER B 118 -16.61 13.96 -11.95
CA SER B 118 -18.02 13.70 -11.72
C SER B 118 -18.82 15.00 -11.70
N ARG B 119 -20.10 14.89 -12.06
CA ARG B 119 -20.95 16.08 -12.11
C ARG B 119 -21.11 16.71 -10.74
N ASP B 120 -21.15 15.87 -9.68
CA ASP B 120 -21.34 16.40 -8.33
C ASP B 120 -20.19 17.31 -7.91
N GLU B 121 -18.99 17.07 -8.44
CA GLU B 121 -17.81 17.83 -8.03
C GLU B 121 -17.68 19.17 -8.77
N LEU B 122 -18.56 19.46 -9.73
CA LEU B 122 -18.55 20.74 -10.42
C LEU B 122 -19.07 21.88 -9.55
N THR B 123 -19.66 21.57 -8.40
CA THR B 123 -20.15 22.59 -7.48
C THR B 123 -19.09 23.07 -6.50
N LYS B 124 -18.08 22.24 -6.23
CA LYS B 124 -17.15 22.50 -5.14
C LYS B 124 -16.05 23.47 -5.57
N ASN B 125 -15.12 23.72 -4.65
CA ASN B 125 -14.05 24.68 -4.91
C ASN B 125 -13.04 24.14 -5.90
N GLN B 126 -12.63 22.88 -5.75
CA GLN B 126 -11.64 22.27 -6.60
C GLN B 126 -12.21 21.00 -7.25
N VAL B 127 -11.62 20.64 -8.40
CA VAL B 127 -12.09 19.55 -9.23
C VAL B 127 -10.98 18.52 -9.34
N SER B 128 -11.33 17.24 -9.17
CA SER B 128 -10.39 16.14 -9.23
C SER B 128 -10.39 15.53 -10.63
N LEU B 129 -9.19 15.34 -11.18
CA LEU B 129 -8.99 14.66 -12.45
C LEU B 129 -8.25 13.36 -12.18
N THR B 130 -8.80 12.24 -12.66
CA THR B 130 -8.32 10.92 -12.32
C THR B 130 -7.80 10.19 -13.56
N CYS B 131 -6.69 9.48 -13.39
CA CYS B 131 -6.09 8.68 -14.45
C CYS B 131 -5.99 7.24 -13.97
N LEU B 132 -6.52 6.31 -14.76
CA LEU B 132 -6.56 4.91 -14.42
C LEU B 132 -5.57 4.14 -15.29
N VAL B 133 -4.63 3.47 -14.64
CA VAL B 133 -3.64 2.63 -15.31
C VAL B 133 -3.81 1.21 -14.79
N LYS B 134 -4.14 0.28 -15.70
CA LYS B 134 -4.51 -1.07 -15.31
C LYS B 134 -3.81 -2.08 -16.21
N GLY B 135 -3.66 -3.29 -15.69
CA GLY B 135 -3.16 -4.41 -16.47
C GLY B 135 -1.67 -4.44 -16.71
N PHE B 136 -0.90 -3.61 -16.01
CA PHE B 136 0.54 -3.58 -16.20
C PHE B 136 1.23 -4.53 -15.24
N TYR B 137 2.22 -5.27 -15.76
CA TYR B 137 3.05 -6.12 -14.94
C TYR B 137 4.50 -5.91 -15.35
N PRO B 138 5.43 -5.78 -14.39
CA PRO B 138 5.16 -5.78 -12.95
C PRO B 138 4.64 -4.43 -12.43
N SER B 139 4.72 -4.23 -11.12
CA SER B 139 4.22 -3.02 -10.48
C SER B 139 5.14 -1.83 -10.64
N ASP B 140 6.38 -2.04 -11.08
CA ASP B 140 7.33 -0.94 -11.24
C ASP B 140 6.85 -0.02 -12.36
N ILE B 141 6.36 1.17 -11.98
CA ILE B 141 5.72 2.09 -12.92
C ILE B 141 5.96 3.51 -12.43
N ALA B 142 5.65 4.48 -13.28
CA ALA B 142 5.75 5.89 -12.94
C ALA B 142 4.69 6.66 -13.70
N VAL B 143 3.87 7.43 -12.98
CA VAL B 143 2.79 8.22 -13.57
C VAL B 143 2.98 9.67 -13.15
N GLU B 144 2.88 10.58 -14.12
CA GLU B 144 3.08 12.00 -13.89
C GLU B 144 2.02 12.80 -14.64
N TRP B 145 1.79 14.02 -14.16
CA TRP B 145 0.82 14.93 -14.75
C TRP B 145 1.50 16.19 -15.25
N GLU B 146 0.99 16.73 -16.36
CA GLU B 146 1.45 18.02 -16.86
C GLU B 146 0.39 18.60 -17.77
N SER B 147 0.49 19.91 -17.99
CA SER B 147 -0.41 20.61 -18.91
C SER B 147 0.40 21.61 -19.72
N ASN B 148 0.28 21.52 -21.06
CA ASN B 148 1.02 22.39 -21.97
C ASN B 148 2.52 22.28 -21.75
N GLY B 149 2.99 21.06 -21.48
CA GLY B 149 4.40 20.82 -21.25
C GLY B 149 4.91 21.25 -19.90
N GLN B 150 4.05 21.74 -19.02
CA GLN B 150 4.40 22.23 -17.69
C GLN B 150 3.88 21.26 -16.65
N PRO B 151 4.74 20.75 -15.77
CA PRO B 151 4.31 19.73 -14.81
C PRO B 151 3.26 20.25 -13.84
N GLU B 152 2.35 19.34 -13.46
CA GLU B 152 1.40 19.57 -12.39
C GLU B 152 1.85 18.79 -11.16
N ASN B 153 1.81 19.43 -9.99
CA ASN B 153 2.39 18.86 -8.79
C ASN B 153 1.41 18.58 -7.67
N ASN B 154 0.15 19.01 -7.79
CA ASN B 154 -0.85 18.71 -6.76
C ASN B 154 -1.59 17.43 -7.11
N TYR B 155 -0.84 16.33 -7.15
CA TYR B 155 -1.39 15.01 -7.43
C TYR B 155 -0.77 13.99 -6.51
N LYS B 156 -1.51 12.90 -6.28
CA LYS B 156 -1.06 11.79 -5.45
C LYS B 156 -1.29 10.48 -6.19
N THR B 157 -0.30 9.61 -6.16
CA THR B 157 -0.35 8.32 -6.85
C THR B 157 -0.61 7.22 -5.82
N THR B 158 -1.64 6.41 -6.09
CA THR B 158 -1.95 5.30 -5.20
C THR B 158 -0.95 4.15 -5.41
N PRO B 159 -0.73 3.33 -4.38
CA PRO B 159 0.15 2.18 -4.56
C PRO B 159 -0.45 1.19 -5.54
N PRO B 160 0.39 0.41 -6.22
CA PRO B 160 -0.13 -0.57 -7.19
C PRO B 160 -0.85 -1.73 -6.51
N VAL B 161 -2.16 -1.83 -6.72
CA VAL B 161 -2.97 -2.89 -6.13
C VAL B 161 -2.98 -4.08 -7.08
N LEU B 162 -2.87 -5.28 -6.52
CA LEU B 162 -2.90 -6.51 -7.31
C LEU B 162 -4.33 -6.74 -7.79
N ASP B 163 -4.55 -6.62 -9.10
CA ASP B 163 -5.87 -6.85 -9.65
C ASP B 163 -6.20 -8.34 -9.65
N SER B 164 -7.45 -8.65 -10.00
CA SER B 164 -7.92 -10.03 -9.92
C SER B 164 -7.24 -10.93 -10.97
N ASP B 165 -6.90 -10.38 -12.13
CA ASP B 165 -6.25 -11.17 -13.17
C ASP B 165 -4.72 -11.09 -13.08
N GLY B 166 -4.19 -11.31 -11.88
CA GLY B 166 -2.75 -11.38 -11.67
C GLY B 166 -1.96 -10.14 -12.05
N SER B 167 -2.65 -9.10 -12.51
CA SER B 167 -2.01 -7.87 -12.95
C SER B 167 -2.13 -6.80 -11.87
N PHE B 168 -1.70 -5.59 -12.19
CA PHE B 168 -1.70 -4.48 -11.25
C PHE B 168 -2.45 -3.30 -11.84
N PHE B 169 -2.98 -2.46 -10.94
CA PHE B 169 -3.67 -1.24 -11.34
C PHE B 169 -3.47 -0.20 -10.26
N LEU B 170 -3.66 1.06 -10.63
CA LEU B 170 -3.55 2.18 -9.70
C LEU B 170 -4.33 3.35 -10.25
N TYR B 171 -4.50 4.36 -9.40
CA TYR B 171 -5.13 5.61 -9.77
C TYR B 171 -4.23 6.77 -9.39
N SER B 172 -4.18 7.78 -10.24
CA SER B 172 -3.44 9.00 -9.99
C SER B 172 -4.41 10.17 -10.07
N LYS B 173 -4.66 10.83 -8.94
CA LYS B 173 -5.64 11.89 -8.85
C LYS B 173 -4.93 13.24 -8.87
N LEU B 174 -5.30 14.09 -9.82
CA LEU B 174 -4.79 15.46 -9.91
C LEU B 174 -5.86 16.41 -9.42
N THR B 175 -5.48 17.30 -8.50
CA THR B 175 -6.39 18.30 -7.95
C THR B 175 -6.12 19.63 -8.64
N VAL B 176 -7.16 20.22 -9.24
CA VAL B 176 -7.05 21.48 -9.94
C VAL B 176 -8.20 22.39 -9.53
N ASP B 177 -7.97 23.69 -9.61
CA ASP B 177 -9.02 24.65 -9.31
C ASP B 177 -10.12 24.58 -10.37
N LYS B 178 -11.34 24.95 -9.97
CA LYS B 178 -12.48 24.87 -10.86
C LYS B 178 -12.28 25.74 -12.10
N SER B 179 -11.79 26.96 -11.91
CA SER B 179 -11.70 27.91 -13.03
C SER B 179 -10.82 27.37 -14.15
N ARG B 180 -9.76 26.64 -13.81
CA ARG B 180 -8.85 26.13 -14.83
C ARG B 180 -9.54 25.11 -15.73
N TRP B 181 -10.36 24.23 -15.15
CA TRP B 181 -11.02 23.20 -15.96
C TRP B 181 -12.16 23.77 -16.78
N GLN B 182 -12.75 24.89 -16.37
CA GLN B 182 -13.88 25.44 -17.11
C GLN B 182 -13.45 26.13 -18.39
N GLN B 183 -12.20 26.55 -18.50
CA GLN B 183 -11.72 27.28 -19.67
C GLN B 183 -11.43 26.38 -20.86
N GLY B 184 -11.84 25.11 -20.81
CA GLY B 184 -11.55 24.19 -21.90
C GLY B 184 -10.07 23.87 -22.06
N ASN B 185 -9.36 23.71 -20.95
CA ASN B 185 -7.94 23.42 -20.99
C ASN B 185 -7.70 21.91 -21.10
N VAL B 186 -6.51 21.55 -21.58
CA VAL B 186 -6.15 20.17 -21.85
C VAL B 186 -5.08 19.74 -20.85
N PHE B 187 -5.31 18.61 -20.19
CA PHE B 187 -4.38 18.03 -19.24
C PHE B 187 -3.99 16.63 -19.71
N SER B 188 -2.74 16.26 -19.43
CA SER B 188 -2.18 14.99 -19.91
C SER B 188 -1.70 14.14 -18.74
N CYS B 189 -1.97 12.84 -18.82
CA CYS B 189 -1.51 11.86 -17.85
C CYS B 189 -0.40 11.04 -18.50
N SER B 190 0.82 11.19 -17.99
CA SER B 190 2.01 10.57 -18.57
C SER B 190 2.38 9.33 -17.78
N VAL B 191 2.49 8.19 -18.46
CA VAL B 191 2.79 6.91 -17.84
C VAL B 191 4.00 6.30 -18.51
N MET B 192 4.97 5.85 -17.71
CA MET B 192 6.17 5.19 -18.21
C MET B 192 6.23 3.79 -17.63
N HIS B 193 6.30 2.79 -18.51
CA HIS B 193 6.31 1.40 -18.10
C HIS B 193 7.12 0.60 -19.12
N GLU B 194 7.74 -0.48 -18.66
CA GLU B 194 8.63 -1.25 -19.53
C GLU B 194 7.89 -1.97 -20.65
N ALA B 195 6.58 -2.15 -20.54
CA ALA B 195 5.79 -2.82 -21.56
C ALA B 195 5.17 -1.85 -22.56
N LEU B 196 5.48 -0.56 -22.44
CA LEU B 196 5.01 0.45 -23.39
C LEU B 196 6.08 0.74 -24.43
N HIS B 197 5.65 1.07 -25.63
CA HIS B 197 6.58 1.45 -26.68
C HIS B 197 7.34 2.70 -26.25
N ASN B 198 8.68 2.64 -26.40
CA ASN B 198 9.60 3.67 -25.92
C ASN B 198 9.49 3.90 -24.42
N HIS B 199 8.81 3.01 -23.69
CA HIS B 199 8.62 3.12 -22.25
C HIS B 199 7.95 4.43 -21.85
N TYR B 200 6.93 4.83 -22.61
CA TYR B 200 6.22 6.07 -22.34
C TYR B 200 4.92 6.09 -23.13
N THR B 201 3.90 6.69 -22.52
CA THR B 201 2.65 6.99 -23.20
C THR B 201 1.91 8.06 -22.40
N GLN B 202 1.05 8.81 -23.10
CA GLN B 202 0.27 9.85 -22.45
C GLN B 202 -1.09 9.96 -23.12
N LYS B 203 -2.09 10.40 -22.37
CA LYS B 203 -3.42 10.64 -22.89
C LYS B 203 -3.96 11.96 -22.37
N SER B 204 -4.61 12.70 -23.26
CA SER B 204 -5.14 14.02 -22.91
C SER B 204 -6.52 13.88 -22.28
N LEU B 205 -6.95 14.95 -21.60
CA LEU B 205 -8.26 14.99 -20.96
C LEU B 205 -8.72 16.44 -20.89
N SER B 206 -9.81 16.76 -21.57
CA SER B 206 -10.34 18.11 -21.61
C SER B 206 -11.85 18.05 -21.48
N LEU B 207 -12.48 19.23 -21.47
CA LEU B 207 -13.92 19.34 -21.31
C LEU B 207 -14.65 19.02 -22.62
C1 NAG C . 8.82 -18.37 11.68
C2 NAG C . 9.49 -17.01 11.49
C3 NAG C . 8.69 -15.93 12.22
C4 NAG C . 7.23 -15.96 11.80
C5 NAG C . 6.66 -17.38 11.93
C6 NAG C . 5.25 -17.51 11.38
C7 NAG C . 11.28 -17.30 13.17
C8 NAG C . 12.77 -17.25 13.39
N2 NAG C . 10.88 -17.02 11.93
O3 NAG C . 9.27 -14.67 11.92
O4 NAG C . 6.45 -15.09 12.62
O5 NAG C . 7.47 -18.32 11.21
O6 NAG C . 5.26 -17.87 10.01
O7 NAG C . 10.50 -17.58 14.07
C1 NAG C . 6.30 -13.83 11.92
C2 NAG C . 4.87 -13.33 12.04
C3 NAG C . 4.71 -12.01 11.28
C4 NAG C . 5.78 -11.01 11.69
C5 NAG C . 7.18 -11.62 11.74
C6 NAG C . 8.20 -10.73 12.43
C7 NAG C . 2.63 -14.33 11.89
C8 NAG C . 1.80 -15.42 11.28
N2 NAG C . 3.92 -14.32 11.55
O3 NAG C . 3.41 -11.48 11.54
O4 NAG C . 5.81 -9.97 10.72
O5 NAG C . 7.18 -12.86 12.47
O6 NAG C . 8.25 -9.44 11.83
O7 NAG C . 2.15 -13.49 12.63
C1 BMA C . 5.14 -8.77 11.12
C2 BMA C . 5.99 -7.59 10.58
C3 BMA C . 5.25 -6.27 10.69
C4 BMA C . 3.84 -6.39 10.11
C5 BMA C . 3.09 -7.48 10.87
C6 BMA C . 1.63 -7.59 10.43
O2 BMA C . 6.29 -7.78 9.20
O3 BMA C . 5.97 -5.20 10.09
O4 BMA C . 3.13 -5.17 10.23
O5 BMA C . 3.78 -8.73 10.63
O6 BMA C . 1.28 -8.95 10.12
C1 MAN C . -0.08 -8.96 9.62
C2 MAN C . -0.61 -10.44 9.66
C3 MAN C . -0.56 -11.08 8.25
C4 MAN C . 0.61 -10.59 7.36
C5 MAN C . 0.76 -9.05 7.36
C6 MAN C . 0.48 -8.42 6.00
O2 MAN C . -2.00 -10.57 10.13
O3 MAN C . -1.80 -10.96 7.53
O4 MAN C . 1.83 -11.18 7.80
O5 MAN C . -0.14 -8.44 8.31
O6 MAN C . 0.40 -7.00 6.16
C1 NAG C . -2.74 -9.34 10.17
C2 NAG C . -4.01 -9.46 9.33
C3 NAG C . -5.13 -8.62 9.93
C4 NAG C . -5.53 -9.18 11.28
C5 NAG C . -4.29 -9.42 12.15
C6 NAG C . -4.06 -10.88 12.48
C7 NAG C . -3.43 -7.87 7.52
C8 NAG C . -3.25 -7.72 6.04
N2 NAG C . -3.79 -9.10 7.94
O3 NAG C . -6.25 -8.61 9.06
O4 NAG C . -6.39 -8.25 11.94
O5 NAG C . -3.09 -8.91 11.54
O6 NAG C . -4.00 -11.10 13.89
O7 NAG C . -3.27 -6.94 8.30
C1 GAL C . -7.45 -8.94 12.63
C2 GAL C . -8.41 -7.90 13.22
C3 GAL C . -9.48 -8.58 14.04
C4 GAL C . -10.25 -9.62 13.19
C5 GAL C . -9.26 -10.52 12.43
C6 GAL C . -9.90 -11.37 11.33
O2 GAL C . -7.74 -6.98 14.08
O3 GAL C . -10.45 -7.64 14.52
O4 GAL C . -11.11 -8.94 12.29
O5 GAL C . -8.20 -9.78 11.77
O6 GAL C . -10.69 -12.40 11.88
C1 MAN C . 5.99 -4.13 11.05
C2 MAN C . 6.61 -2.86 10.40
C3 MAN C . 7.09 -2.01 11.55
C4 MAN C . 8.35 -2.63 12.13
C5 MAN C . 8.17 -4.16 12.25
C6 MAN C . 8.74 -4.72 13.53
O2 MAN C . 5.63 -2.08 9.71
O3 MAN C . 6.10 -2.01 12.57
O4 MAN C . 9.46 -2.33 11.30
O5 MAN C . 6.75 -4.51 12.22
O6 MAN C . 7.92 -4.26 14.60
C1 NAG C . 5.39 -0.76 12.69
C2 NAG C . 5.84 -0.12 14.01
C3 NAG C . 5.16 1.23 14.19
C4 NAG C . 5.37 2.11 12.96
C5 NAG C . 4.94 1.37 11.70
C6 NAG C . 5.22 2.14 10.44
C7 NAG C . 6.15 -0.89 16.31
C8 NAG C . 5.73 -1.90 17.35
N2 NAG C . 5.55 -1.00 15.13
O3 NAG C . 5.68 1.88 15.34
O4 NAG C . 4.61 3.31 13.08
O5 NAG C . 5.67 0.14 11.60
O6 NAG C . 4.35 3.27 10.32
O7 NAG C . 7.00 -0.04 16.54
C1 FUL C . 4.73 -16.79 9.24
C2 FUL C . 3.88 -17.35 8.10
O2 FUL C . 2.75 -18.04 8.67
C3 FUL C . 3.38 -16.28 7.18
O3 FUL C . 2.75 -16.92 6.04
C4 FUL C . 4.48 -15.40 6.69
O4 FUL C . 5.34 -16.14 5.83
C5 FUL C . 5.31 -14.82 7.84
C6 FUL C . 6.47 -14.05 7.28
O5 FUL C . 5.83 -15.89 8.72
C1 NAG D . 21.38 2.25 15.22
C2 NAG D . 20.25 1.22 15.18
C3 NAG D . 19.98 0.77 13.73
C4 NAG D . 19.75 1.98 12.83
C5 NAG D . 20.93 2.94 12.97
C6 NAG D . 20.79 4.19 12.14
C7 NAG D . 20.35 0.03 17.32
C8 NAG D . 20.73 -1.24 18.03
N2 NAG D . 20.56 0.07 16.00
O3 NAG D . 18.85 -0.09 13.72
O4 NAG D . 19.66 1.58 11.47
O5 NAG D . 21.06 3.35 14.34
O6 NAG D . 19.55 4.85 12.36
O7 NAG D . 19.87 0.99 17.94
C1 NAG D . 18.30 1.37 11.09
C2 NAG D . 18.12 1.77 9.63
C3 NAG D . 16.71 1.45 9.15
C4 NAG D . 16.33 0.00 9.46
C5 NAG D . 16.57 -0.29 10.94
C6 NAG D . 16.33 -1.73 11.31
C7 NAG D . 19.07 3.66 8.38
C8 NAG D . 19.29 5.14 8.36
N2 NAG D . 18.41 3.18 9.44
O3 NAG D . 16.63 1.68 7.74
O4 NAG D . 14.95 -0.21 9.18
O5 NAG D . 17.93 0.00 11.26
O6 NAG D . 16.25 -1.88 12.73
O7 NAG D . 19.49 2.93 7.48
C1 BMA D . 14.76 -0.81 7.89
C2 BMA D . 13.62 -1.84 7.98
C3 BMA D . 13.17 -2.32 6.60
C4 BMA D . 13.02 -1.15 5.61
C5 BMA D . 14.29 -0.28 5.60
C6 BMA D . 14.18 0.91 4.68
O2 BMA D . 12.48 -1.27 8.61
O3 BMA D . 11.93 -3.02 6.70
O4 BMA D . 12.78 -1.65 4.29
O5 BMA D . 14.49 0.20 6.93
O6 BMA D . 15.22 1.84 4.99
C1 MAN D . 15.22 2.90 4.01
C2 MAN D . 16.51 3.74 4.21
C3 MAN D . 16.41 4.56 5.49
C4 MAN D . 15.12 5.39 5.51
C5 MAN D . 13.92 4.45 5.37
C6 MAN D . 12.59 5.17 5.33
O2 MAN D . 16.68 4.71 3.17
O3 MAN D . 17.54 5.41 5.67
O4 MAN D . 15.02 6.11 6.73
O5 MAN D . 14.04 3.70 4.14
O6 MAN D . 11.56 4.21 5.41
C1 NAG D . 16.83 4.07 1.89
C2 NAG D . 15.94 4.82 0.90
C3 NAG D . 16.10 4.25 -0.51
C4 NAG D . 17.58 4.21 -0.90
C5 NAG D . 18.38 3.47 0.16
C6 NAG D . 19.87 3.48 -0.12
C7 NAG D . 13.70 5.78 1.16
C8 NAG D . 12.30 5.54 1.65
N2 NAG D . 14.54 4.76 1.30
O3 NAG D . 15.38 5.05 -1.44
O4 NAG D . 17.74 3.56 -2.16
O5 NAG D . 18.19 4.09 1.43
O6 NAG D . 20.56 4.37 0.74
O7 NAG D . 14.04 6.84 0.67
C1 MAN D . 11.98 -4.28 5.97
C2 MAN D . 10.54 -4.61 5.55
C3 MAN D . 9.69 -4.91 6.80
C4 MAN D . 10.36 -5.99 7.67
C5 MAN D . 11.81 -5.58 8.01
C6 MAN D . 12.57 -6.66 8.74
O2 MAN D . 10.49 -5.80 4.76
O3 MAN D . 8.36 -5.29 6.46
O4 MAN D . 9.62 -6.16 8.88
O5 MAN D . 12.52 -5.30 6.78
O6 MAN D . 13.84 -6.12 9.10
C1 FUC D . 19.81 6.27 12.31
C2 FUC D . 18.47 7.01 12.00
C3 FUC D . 17.52 6.91 13.18
C4 FUC D . 18.20 7.42 14.46
C5 FUC D . 19.50 6.64 14.68
C6 FUC D . 20.31 7.15 15.86
O2 FUC D . 17.86 6.55 10.82
O3 FUC D . 16.37 7.72 12.94
O4 FUC D . 18.47 8.80 14.33
O5 FUC D . 20.37 6.71 13.54
#